data_5DQY
#
_entry.id   5DQY
#
_cell.length_a   53.204
_cell.length_b   61.231
_cell.length_c   64.839
_cell.angle_alpha   90.00
_cell.angle_beta   90.00
_cell.angle_gamma   90.00
#
_symmetry.space_group_name_H-M   'I 2 2 2'
#
loop_
_entity.id
_entity.type
_entity.pdbx_description
1 polymer Thioredoxin
2 non-polymer 'BENZOIC ACID'
3 non-polymer 'CHLORIDE ION'
4 non-polymer GLYCEROL
5 water water
#
_entity_poly.entity_id   1
_entity_poly.type   'polypeptide(L)'
_entity_poly.pdbx_seq_one_letter_code
;MVKQIESKTAFQEALDAAGDKLVVVDFSATWCGPCKMIKPFFHSLSEKYSNVIFLEVDVDDCQDVASECEVKCMPTFQFF
KKGQKVGEFSGANKEKLEATINELV
;
_entity_poly.pdbx_strand_id   A
#
# COMPACT_ATOMS: atom_id res chain seq x y z
N MET A 1 3.18 -7.17 9.96
CA MET A 1 2.17 -7.96 9.29
C MET A 1 1.54 -7.08 8.19
N VAL A 2 1.33 -7.66 7.05
CA VAL A 2 0.72 -6.95 5.94
C VAL A 2 -0.59 -7.59 5.73
N LYS A 3 -1.62 -6.78 5.51
CA LYS A 3 -2.94 -7.37 5.25
C LYS A 3 -3.22 -7.33 3.74
N GLN A 4 -3.60 -8.45 3.17
CA GLN A 4 -3.98 -8.51 1.77
C GLN A 4 -5.43 -8.03 1.67
N ILE A 5 -5.65 -7.07 0.74
CA ILE A 5 -6.95 -6.48 0.55
C ILE A 5 -7.43 -6.91 -0.84
N GLU A 6 -8.56 -7.64 -0.88
CA GLU A 6 -9.03 -8.34 -2.08
CA GLU A 6 -8.94 -8.19 -2.20
C GLU A 6 -10.32 -7.71 -2.64
N SER A 7 -10.86 -6.68 -1.98
CA SER A 7 -12.04 -6.02 -2.52
C SER A 7 -12.10 -4.60 -2.18
N LYS A 8 -12.93 -3.83 -2.88
CA LYS A 8 -13.05 -2.40 -2.58
C LYS A 8 -13.64 -2.18 -1.18
N THR A 9 -14.63 -2.97 -0.75
CA THR A 9 -15.23 -2.78 0.58
C THR A 9 -14.19 -3.04 1.66
N ALA A 10 -13.37 -4.08 1.47
CA ALA A 10 -12.30 -4.31 2.43
C ALA A 10 -11.31 -3.15 2.47
N PHE A 11 -11.05 -2.58 1.31
CA PHE A 11 -10.13 -1.44 1.25
C PHE A 11 -10.66 -0.24 2.08
N GLN A 12 -11.89 0.17 1.79
CA GLN A 12 -12.55 1.26 2.51
C GLN A 12 -12.67 0.98 3.98
N GLU A 13 -13.04 -0.23 4.36
CA GLU A 13 -13.10 -0.53 5.80
C GLU A 13 -11.78 -0.50 6.50
N ALA A 14 -10.73 -0.88 5.80
CA ALA A 14 -9.33 -0.81 6.37
C ALA A 14 -8.95 0.61 6.60
N LEU A 15 -9.30 1.53 5.70
CA LEU A 15 -8.88 2.91 5.83
C LEU A 15 -9.63 3.56 6.99
N ASP A 16 -10.86 3.08 7.21
CA ASP A 16 -11.68 3.62 8.35
C ASP A 16 -11.18 3.03 9.66
N ALA A 17 -10.88 1.74 9.69
CA ALA A 17 -10.42 1.10 10.93
C ALA A 17 -9.06 1.63 11.45
N ALA A 18 -8.23 2.17 10.54
CA ALA A 18 -6.91 2.76 10.88
C ALA A 18 -6.94 3.92 11.91
N GLY A 19 -8.02 4.70 11.92
CA GLY A 19 -8.12 5.81 12.85
C GLY A 19 -7.02 6.80 12.51
N ASP A 20 -6.17 7.20 13.46
CA ASP A 20 -5.09 8.17 13.22
C ASP A 20 -3.82 7.49 12.72
N LYS A 21 -3.81 6.15 12.54
CA LYS A 21 -2.53 5.50 12.05
C LYS A 21 -2.34 5.81 10.59
N LEU A 22 -1.06 6.05 10.21
CA LEU A 22 -0.75 6.06 8.76
C LEU A 22 -1.07 4.70 8.14
N VAL A 23 -1.59 4.71 6.93
CA VAL A 23 -1.83 3.52 6.12
C VAL A 23 -0.92 3.61 4.90
N VAL A 24 -0.17 2.55 4.66
CA VAL A 24 0.69 2.39 3.45
CA VAL A 24 0.60 2.47 3.37
C VAL A 24 0.08 1.27 2.61
N VAL A 25 -0.19 1.52 1.32
CA VAL A 25 -0.76 0.52 0.36
C VAL A 25 0.22 0.25 -0.76
N ASP A 26 0.59 -1.00 -0.90
CA ASP A 26 1.41 -1.49 -2.05
C ASP A 26 0.44 -2.06 -3.10
N PHE A 27 0.32 -1.33 -4.24
CA PHE A 27 -0.42 -1.89 -5.42
C PHE A 27 0.63 -2.53 -6.32
N SER A 28 0.44 -3.82 -6.52
CA SER A 28 1.41 -4.65 -7.25
CA SER A 28 1.41 -4.67 -7.22
C SER A 28 0.69 -5.61 -8.19
N ALA A 29 1.47 -6.26 -9.09
CA ALA A 29 0.89 -7.27 -9.99
C ALA A 29 1.80 -8.48 -9.95
N THR A 30 1.19 -9.65 -10.22
CA THR A 30 1.89 -10.90 -9.93
C THR A 30 2.88 -11.12 -11.06
N TRP A 31 2.75 -10.37 -12.16
CA TRP A 31 3.68 -10.45 -13.27
C TRP A 31 4.81 -9.41 -13.23
N CYS A 32 4.84 -8.48 -12.23
CA CYS A 32 5.79 -7.34 -12.15
C CYS A 32 7.01 -7.76 -11.38
N GLY A 33 8.14 -7.86 -12.08
CA GLY A 33 9.39 -8.21 -11.45
C GLY A 33 9.86 -7.39 -10.28
N PRO A 34 9.93 -6.03 -10.46
CA PRO A 34 10.37 -5.19 -9.35
C PRO A 34 9.44 -5.32 -8.16
N CYS A 35 8.15 -5.60 -8.36
CA CYS A 35 7.25 -5.79 -7.23
C CYS A 35 7.70 -6.97 -6.37
N LYS A 36 8.10 -8.08 -7.01
CA LYS A 36 8.67 -9.21 -6.32
C LYS A 36 9.95 -8.88 -5.56
N MET A 37 10.76 -8.01 -6.14
CA MET A 37 12.03 -7.71 -5.46
C MET A 37 11.89 -6.90 -4.22
N ILE A 38 10.87 -6.03 -4.17
CA ILE A 38 10.63 -5.19 -2.98
C ILE A 38 9.68 -5.83 -1.95
N LYS A 39 8.94 -6.87 -2.32
CA LYS A 39 7.86 -7.38 -1.42
C LYS A 39 8.39 -7.83 -0.06
N PRO A 40 9.53 -8.55 0.06
CA PRO A 40 9.94 -8.92 1.43
C PRO A 40 10.32 -7.67 2.25
N PHE A 41 10.88 -6.62 1.62
CA PHE A 41 11.21 -5.39 2.32
C PHE A 41 9.92 -4.70 2.82
N PHE A 42 8.90 -4.67 1.99
CA PHE A 42 7.60 -4.13 2.47
C PHE A 42 7.12 -4.90 3.70
N HIS A 43 7.17 -6.25 3.70
CA HIS A 43 6.80 -6.99 4.90
C HIS A 43 7.72 -6.72 6.09
N SER A 44 9.02 -6.57 5.86
N SER A 44 9.01 -6.56 5.84
CA SER A 44 9.96 -6.17 6.96
CA SER A 44 9.98 -6.17 6.90
C SER A 44 9.59 -4.83 7.57
C SER A 44 9.59 -4.85 7.55
N LEU A 45 9.25 -3.86 6.72
CA LEU A 45 8.77 -2.60 7.20
C LEU A 45 7.55 -2.70 8.07
N SER A 46 6.66 -3.62 7.72
CA SER A 46 5.37 -3.80 8.51
C SER A 46 5.67 -4.31 9.92
N GLU A 47 6.78 -5.04 10.08
CA GLU A 47 7.16 -5.53 11.43
C GLU A 47 7.82 -4.44 12.19
N LYS A 48 8.59 -3.60 11.50
CA LYS A 48 9.28 -2.51 12.11
C LYS A 48 8.36 -1.41 12.57
N TYR A 49 7.52 -0.91 11.63
CA TYR A 49 6.62 0.20 11.93
C TYR A 49 5.31 -0.39 12.44
N SER A 50 5.28 -0.86 13.70
CA SER A 50 4.16 -1.74 14.09
C SER A 50 2.89 -0.93 14.34
N ASN A 51 3.02 0.40 14.38
CA ASN A 51 1.80 1.28 14.50
C ASN A 51 1.36 1.95 13.19
N VAL A 52 1.95 1.53 12.09
CA VAL A 52 1.56 1.91 10.76
C VAL A 52 0.83 0.74 10.17
N ILE A 53 -0.22 0.98 9.44
CA ILE A 53 -0.94 -0.14 8.79
C ILE A 53 -0.45 -0.37 7.30
N PHE A 54 -0.08 -1.63 7.04
CA PHE A 54 0.41 -2.02 5.69
C PHE A 54 -0.58 -2.91 5.04
N LEU A 55 -0.98 -2.43 3.84
CA LEU A 55 -1.94 -3.18 3.03
C LEU A 55 -1.30 -3.50 1.66
N GLU A 56 -1.67 -4.66 1.13
CA GLU A 56 -1.18 -5.02 -0.23
C GLU A 56 -2.41 -5.30 -1.11
N VAL A 57 -2.44 -4.76 -2.35
CA VAL A 57 -3.53 -4.97 -3.30
C VAL A 57 -2.88 -5.55 -4.57
N ASP A 58 -3.40 -6.67 -5.03
CA ASP A 58 -3.06 -7.21 -6.37
C ASP A 58 -3.97 -6.50 -7.35
N VAL A 59 -3.41 -5.76 -8.31
CA VAL A 59 -4.28 -4.94 -9.18
C VAL A 59 -5.20 -5.79 -10.05
N ASP A 60 -4.93 -7.09 -10.20
CA ASP A 60 -5.87 -7.99 -10.95
C ASP A 60 -7.22 -8.06 -10.13
N ASP A 61 -7.22 -7.71 -8.85
CA ASP A 61 -8.45 -7.66 -8.04
C ASP A 61 -9.20 -6.32 -8.13
N CYS A 62 -8.64 -5.28 -8.75
CA CYS A 62 -9.32 -3.96 -8.87
C CYS A 62 -10.57 -4.07 -9.69
N GLN A 63 -11.66 -3.40 -9.24
CA GLN A 63 -12.93 -3.37 -10.06
C GLN A 63 -12.72 -2.59 -11.31
N ASP A 64 -13.53 -2.92 -12.34
CA ASP A 64 -13.46 -2.17 -13.58
C ASP A 64 -14.32 -0.92 -13.49
N VAL A 65 -15.26 -0.84 -12.52
CA VAL A 65 -16.08 0.34 -12.43
C VAL A 65 -16.03 0.83 -11.01
N ALA A 66 -15.92 2.14 -10.79
CA ALA A 66 -15.90 2.75 -9.47
C ALA A 66 -14.79 2.25 -8.57
N SER A 67 -13.63 2.02 -9.18
CA SER A 67 -12.51 1.45 -8.39
C SER A 67 -11.74 2.52 -7.64
N GLU A 68 -11.24 2.13 -6.47
CA GLU A 68 -10.21 2.98 -5.80
C GLU A 68 -8.77 2.74 -6.38
N CYS A 69 -8.59 1.85 -7.33
CA CYS A 69 -7.26 1.56 -7.91
C CYS A 69 -6.80 2.61 -8.94
N GLU A 70 -6.54 3.81 -8.39
CA GLU A 70 -6.20 4.94 -9.25
C GLU A 70 -4.63 4.98 -9.39
N VAL A 71 -4.12 4.05 -10.24
CA VAL A 71 -2.65 3.80 -10.39
C VAL A 71 -2.31 3.59 -11.87
N LYS A 72 -1.02 3.80 -12.20
CA LYS A 72 -0.56 3.60 -13.59
C LYS A 72 0.70 2.77 -13.69
N CYS A 73 1.59 2.81 -12.71
CA CYS A 73 2.88 2.09 -12.83
C CYS A 73 3.00 1.17 -11.66
N MET A 74 3.59 -0.02 -11.83
CA MET A 74 3.73 -0.95 -10.73
C MET A 74 5.20 -1.00 -10.32
N PRO A 75 5.49 -1.13 -9.01
CA PRO A 75 4.53 -0.95 -7.92
C PRO A 75 4.19 0.52 -7.70
N THR A 76 2.97 0.75 -7.16
CA THR A 76 2.63 2.08 -6.67
C THR A 76 2.42 1.98 -5.16
N PHE A 77 2.96 2.94 -4.40
CA PHE A 77 2.72 3.03 -2.97
C PHE A 77 1.84 4.26 -2.71
N GLN A 78 0.70 4.07 -2.07
CA GLN A 78 -0.14 5.23 -1.69
C GLN A 78 -0.18 5.28 -0.16
N PHE A 79 -0.36 6.48 0.38
CA PHE A 79 -0.28 6.73 1.83
C PHE A 79 -1.55 7.46 2.23
N PHE A 80 -2.20 7.03 3.31
CA PHE A 80 -3.50 7.63 3.73
C PHE A 80 -3.45 7.94 5.19
N LYS A 81 -4.12 9.03 5.54
CA LYS A 81 -4.31 9.38 6.96
C LYS A 81 -5.80 9.84 7.08
N LYS A 82 -6.52 9.18 7.96
CA LYS A 82 -7.96 9.43 8.17
C LYS A 82 -8.75 9.37 6.84
N GLY A 83 -8.44 8.39 5.98
CA GLY A 83 -9.12 8.20 4.72
C GLY A 83 -8.71 9.14 3.60
N GLN A 84 -7.81 10.06 3.85
CA GLN A 84 -7.38 11.02 2.86
C GLN A 84 -6.01 10.61 2.29
N LYS A 85 -5.82 10.62 0.97
CA LYS A 85 -4.52 10.35 0.40
C LYS A 85 -3.53 11.46 0.69
N VAL A 86 -2.42 11.17 1.37
CA VAL A 86 -1.45 12.17 1.79
C VAL A 86 -0.12 12.01 1.11
N GLY A 87 0.07 10.93 0.32
CA GLY A 87 1.32 10.78 -0.38
C GLY A 87 1.12 9.65 -1.42
N GLU A 88 1.99 9.62 -2.44
CA GLU A 88 1.98 8.54 -3.45
C GLU A 88 3.27 8.59 -4.27
N PHE A 89 3.86 7.45 -4.64
CA PHE A 89 4.91 7.47 -5.69
C PHE A 89 4.95 6.06 -6.29
N SER A 90 5.51 5.90 -7.45
CA SER A 90 5.67 4.58 -8.03
C SER A 90 7.10 4.22 -8.18
N GLY A 91 7.37 2.94 -8.32
CA GLY A 91 8.81 2.51 -8.46
C GLY A 91 9.24 1.75 -7.24
N ALA A 92 10.05 0.70 -7.43
CA ALA A 92 10.54 -0.12 -6.32
C ALA A 92 11.81 0.50 -5.70
N ASN A 93 11.70 1.67 -5.06
CA ASN A 93 12.84 2.35 -4.49
C ASN A 93 12.68 2.21 -2.98
N LYS A 94 13.54 1.37 -2.37
CA LYS A 94 13.37 1.02 -0.94
C LYS A 94 13.62 2.21 -0.03
N GLU A 95 14.66 2.98 -0.33
CA GLU A 95 14.94 4.14 0.51
C GLU A 95 13.83 5.16 0.41
N LYS A 96 13.25 5.38 -0.80
CA LYS A 96 12.18 6.34 -0.91
C LYS A 96 10.94 5.87 -0.15
N LEU A 97 10.68 4.57 -0.24
CA LEU A 97 9.55 3.98 0.57
C LEU A 97 9.69 4.26 2.03
N GLU A 98 10.84 3.91 2.63
CA GLU A 98 10.98 4.14 4.09
C GLU A 98 11.03 5.64 4.45
N ALA A 99 11.67 6.44 3.60
CA ALA A 99 11.71 7.91 3.80
C ALA A 99 10.29 8.50 3.84
N THR A 100 9.44 8.04 2.91
CA THR A 100 8.05 8.57 2.79
C THR A 100 7.22 8.18 4.03
N ILE A 101 7.38 6.93 4.50
CA ILE A 101 6.69 6.55 5.75
C ILE A 101 7.10 7.50 6.90
N ASN A 102 8.43 7.76 7.03
CA ASN A 102 8.91 8.74 8.04
C ASN A 102 8.46 10.16 7.91
N GLU A 103 8.23 10.63 6.68
CA GLU A 103 7.77 11.95 6.41
C GLU A 103 6.29 12.06 6.82
N LEU A 104 5.50 10.98 6.71
CA LEU A 104 4.04 11.05 6.82
C LEU A 104 3.45 10.52 8.11
N VAL A 105 4.25 9.83 8.85
CA VAL A 105 3.73 9.12 10.00
C VAL A 105 3.13 10.03 11.06
#